data_3P8X
#
_entry.id   3P8X
#
_cell.length_a   44.628
_cell.length_b   51.342
_cell.length_c   130.820
_cell.angle_alpha   90.00
_cell.angle_beta   90.00
_cell.angle_gamma   90.00
#
_symmetry.space_group_name_H-M   'P 21 21 21'
#
loop_
_entity.id
_entity.type
_entity.pdbx_description
1 polymer 'Vitamin D3 receptor'
2 non-polymer (1R,3S,5Z)-5-{(2E)-2-[(3aR,7aS)-7a-(7-hydroxy-7-methyloctyl)octahydro-4H-inden-4-ylidene]ethylidene}-4-methylidenecyclohexane-1,3-diol
3 non-polymer 'SULFATE ION'
4 water water
#
_entity_poly.entity_id   1
_entity_poly.type   'polypeptide(L)'
_entity_poly.pdbx_seq_one_letter_code
;MGSSHHHHHHSSGLVPRGSHMDSLRPKLSEEQQRIIAILLDAHHKTYDPTYSDFCQFRPPVRVNDGGGSVTLELSQLSML
PHLADLVSYSIQKVIGFAKMIPGFRDLTSEDQIVLLKSSAIEVIMLRSNESFTMDDMSWTCGNQDYKYRVSDVTKAGHSL
ELIEPLIKFQVGLKKLNLHEEEHVLLMAICIVSPDRPGVQDAALIEAIQDRLSNTLQTYIRCRHPPPGSHLLYAKMIQKL
ADLRSLNEEHSKQYRCLSFQPECSMKLTPLVLEVFGNEIS
;
_entity_poly.pdbx_strand_id   A
#
loop_
_chem_comp.id
_chem_comp.type
_chem_comp.name
_chem_comp.formula
SO4 non-polymer 'SULFATE ION' 'O4 S -2'
ZYD non-polymer (1R,3S,5Z)-5-{(2E)-2-[(3aR,7aS)-7a-(7-hydroxy-7-methyloctyl)octahydro-4H-inden-4-ylidene]ethylidene}-4-methylidenecyclohexane-1,3-diol 'C27 H44 O3'
#
# COMPACT_ATOMS: atom_id res chain seq x y z
N ASP A 22 -28.15 -12.72 -17.54
CA ASP A 22 -28.16 -11.28 -17.80
C ASP A 22 -26.84 -10.82 -18.38
N SER A 23 -25.81 -10.87 -17.54
CA SER A 23 -24.47 -10.44 -17.94
C SER A 23 -24.51 -9.00 -18.42
N LEU A 24 -25.26 -8.17 -17.71
CA LEU A 24 -25.39 -6.76 -18.05
C LEU A 24 -24.07 -6.02 -17.94
N ARG A 25 -23.78 -5.20 -18.93
CA ARG A 25 -22.56 -4.42 -18.95
C ARG A 25 -22.89 -2.94 -19.13
N PRO A 26 -23.44 -2.32 -18.08
CA PRO A 26 -23.80 -0.90 -18.15
C PRO A 26 -22.57 -0.04 -18.40
N LYS A 27 -22.76 1.03 -19.16
CA LYS A 27 -21.66 1.94 -19.45
C LYS A 27 -21.32 2.73 -18.21
N LEU A 28 -20.09 3.23 -18.15
CA LEU A 28 -19.66 4.04 -17.02
C LEU A 28 -20.40 5.36 -17.11
N SER A 29 -20.96 5.80 -16.00
CA SER A 29 -21.69 7.06 -15.96
C SER A 29 -20.67 8.21 -16.04
N GLU A 30 -21.16 9.42 -16.30
CA GLU A 30 -20.27 10.56 -16.37
C GLU A 30 -19.55 10.70 -15.05
N GLU A 31 -20.28 10.49 -13.95
CA GLU A 31 -19.69 10.59 -12.62
C GLU A 31 -18.60 9.55 -12.43
N GLN A 32 -18.87 8.32 -12.84
CA GLN A 32 -17.87 7.25 -12.71
C GLN A 32 -16.64 7.54 -13.56
N GLN A 33 -16.85 8.13 -14.73
CA GLN A 33 -15.72 8.47 -15.60
C GLN A 33 -14.88 9.54 -14.92
N ARG A 34 -15.54 10.50 -14.29
CA ARG A 34 -14.84 11.57 -13.60
C ARG A 34 -14.09 11.02 -12.40
N ILE A 35 -14.71 10.10 -11.67
CA ILE A 35 -14.06 9.50 -10.51
C ILE A 35 -12.77 8.81 -10.94
N ILE A 36 -12.84 8.03 -12.00
CA ILE A 36 -11.66 7.34 -12.50
C ILE A 36 -10.58 8.33 -12.93
N ALA A 37 -10.99 9.35 -13.68
CA ALA A 37 -10.05 10.36 -14.15
C ALA A 37 -9.36 11.05 -12.98
N ILE A 38 -10.13 11.36 -11.95
CA ILE A 38 -9.61 12.01 -10.75
C ILE A 38 -8.60 11.12 -10.04
N LEU A 39 -8.93 9.85 -9.87
CA LEU A 39 -8.05 8.92 -9.19
C LEU A 39 -6.77 8.66 -9.99
N LEU A 40 -6.88 8.57 -11.31
CA LEU A 40 -5.70 8.36 -12.14
C LEU A 40 -4.78 9.56 -11.98
N ASP A 41 -5.36 10.76 -12.06
CA ASP A 41 -4.61 11.99 -11.92
C ASP A 41 -3.96 12.07 -10.54
N ALA A 42 -4.72 11.72 -9.50
CA ALA A 42 -4.23 11.74 -8.14
C ALA A 42 -3.04 10.80 -7.99
N HIS A 43 -3.13 9.62 -8.57
CA HIS A 43 -2.04 8.66 -8.49
C HIS A 43 -0.83 9.18 -9.27
N HIS A 44 -1.07 9.73 -10.44
CA HIS A 44 0.03 10.25 -11.25
C HIS A 44 0.77 11.38 -10.55
N LYS A 45 0.06 12.11 -9.69
CA LYS A 45 0.66 13.23 -8.96
C LYS A 45 1.32 12.80 -7.67
N THR A 46 1.00 11.61 -7.18
CA THR A 46 1.53 11.15 -5.91
C THR A 46 2.42 9.91 -5.97
N TYR A 47 2.59 9.36 -7.17
CA TYR A 47 3.45 8.19 -7.33
C TYR A 47 4.41 8.47 -8.47
N ASP A 48 5.65 8.75 -8.11
CA ASP A 48 6.70 9.04 -9.08
C ASP A 48 7.30 7.71 -9.53
N PRO A 49 7.01 7.28 -10.77
CA PRO A 49 7.52 6.02 -11.31
C PRO A 49 9.02 5.99 -11.57
N THR A 50 9.69 7.11 -11.37
CA THR A 50 11.14 7.18 -11.57
C THR A 50 11.85 7.10 -10.22
N TYR A 51 11.08 7.22 -9.14
CA TYR A 51 11.64 7.14 -7.78
C TYR A 51 12.78 8.13 -7.59
N SER A 52 12.66 9.28 -8.23
CA SER A 52 13.67 10.32 -8.20
C SER A 52 13.94 10.98 -6.85
N ASP A 53 13.04 10.82 -5.89
CA ASP A 53 13.24 11.42 -4.58
C ASP A 53 13.99 10.50 -3.62
N PHE A 54 14.11 9.23 -3.98
CA PHE A 54 14.73 8.25 -3.10
C PHE A 54 16.17 8.56 -2.65
N CYS A 55 16.90 9.32 -3.44
CA CYS A 55 18.26 9.66 -3.08
C CYS A 55 18.27 10.67 -1.92
N GLN A 56 17.10 11.21 -1.60
CA GLN A 56 16.98 12.18 -0.51
C GLN A 56 16.79 11.50 0.83
N PHE A 57 16.47 10.21 0.81
CA PHE A 57 16.28 9.47 2.05
C PHE A 57 17.62 9.16 2.68
N ARG A 58 17.62 8.82 3.95
CA ARG A 58 18.87 8.43 4.58
C ARG A 58 19.32 7.25 3.73
N PRO A 59 20.62 7.14 3.46
CA PRO A 59 21.16 6.06 2.63
C PRO A 59 20.92 4.63 3.09
N PRO A 60 20.69 3.74 2.11
CA PRO A 60 20.49 2.33 2.46
C PRO A 60 21.85 1.78 2.84
N VAL A 61 21.87 0.93 3.87
CA VAL A 61 23.12 0.32 4.30
C VAL A 61 22.83 -1.16 4.44
N ARG A 62 23.65 -1.98 3.81
CA ARG A 62 23.45 -3.41 3.85
C ARG A 62 24.63 -4.14 4.48
N VAL A 63 24.47 -4.51 5.74
CA VAL A 63 25.52 -5.22 6.47
C VAL A 63 25.50 -6.69 6.09
N ASN A 64 26.58 -7.39 6.37
CA ASN A 64 26.67 -8.80 6.05
C ASN A 64 25.76 -9.59 7.00
N ASP A 65 24.79 -10.30 6.42
CA ASP A 65 23.86 -11.09 7.22
C ASP A 65 23.27 -12.24 6.41
N GLY A 66 24.13 -12.94 5.68
CA GLY A 66 23.66 -14.06 4.88
C GLY A 66 22.98 -15.11 5.74
N GLY A 67 23.21 -15.03 7.05
CA GLY A 67 22.61 -16.00 7.96
C GLY A 67 21.25 -15.58 8.46
N GLY A 68 20.83 -14.37 8.13
CA GLY A 68 19.53 -13.88 8.57
C GLY A 68 19.45 -13.89 10.08
N SER A 69 20.53 -13.49 10.73
CA SER A 69 20.59 -13.46 12.19
C SER A 69 19.70 -12.38 12.77
N VAL A 70 18.68 -12.79 13.52
CA VAL A 70 17.76 -11.83 14.13
C VAL A 70 18.54 -10.91 15.08
N THR A 71 19.47 -11.51 15.83
CA THR A 71 20.27 -10.74 16.78
C THR A 71 21.07 -9.65 16.08
N LEU A 72 21.73 -10.02 14.99
CA LEU A 72 22.52 -9.06 14.23
C LEU A 72 21.62 -8.00 13.59
N GLU A 73 20.51 -8.45 13.02
CA GLU A 73 19.57 -7.53 12.37
C GLU A 73 19.06 -6.47 13.33
N LEU A 74 18.67 -6.88 14.53
CA LEU A 74 18.16 -5.94 15.52
C LEU A 74 19.27 -5.04 16.07
N SER A 75 20.48 -5.58 16.15
CA SER A 75 21.60 -4.80 16.66
C SER A 75 22.01 -3.70 15.70
N GLN A 76 21.81 -3.93 14.41
CA GLN A 76 22.20 -2.97 13.38
C GLN A 76 21.05 -2.18 12.76
N LEU A 77 20.00 -2.90 12.34
CA LEU A 77 18.86 -2.26 11.68
C LEU A 77 19.42 -1.34 10.60
N SER A 78 20.40 -1.85 9.86
CA SER A 78 21.08 -1.07 8.83
C SER A 78 20.21 -0.47 7.75
N MET A 79 19.15 -1.18 7.36
CA MET A 79 18.27 -0.69 6.31
C MET A 79 17.06 0.06 6.85
N LEU A 80 16.91 0.13 8.16
CA LEU A 80 15.74 0.81 8.72
C LEU A 80 15.63 2.30 8.42
N PRO A 81 16.72 3.07 8.59
CA PRO A 81 16.59 4.51 8.30
C PRO A 81 16.10 4.77 6.88
N HIS A 82 16.68 4.06 5.92
CA HIS A 82 16.29 4.24 4.52
C HIS A 82 14.87 3.78 4.24
N LEU A 83 14.53 2.58 4.69
CA LEU A 83 13.18 2.07 4.44
C LEU A 83 12.12 2.77 5.26
N ALA A 84 12.49 3.29 6.44
CA ALA A 84 11.53 4.02 7.26
C ALA A 84 11.26 5.36 6.56
N ASP A 85 12.30 5.94 5.97
CA ASP A 85 12.14 7.20 5.24
C ASP A 85 11.28 6.94 4.01
N LEU A 86 11.49 5.78 3.39
CA LEU A 86 10.71 5.41 2.21
C LEU A 86 9.24 5.27 2.59
N VAL A 87 8.99 4.60 3.71
CA VAL A 87 7.61 4.41 4.17
C VAL A 87 7.00 5.74 4.59
N SER A 88 7.77 6.56 5.27
CA SER A 88 7.28 7.86 5.72
C SER A 88 6.92 8.71 4.50
N TYR A 89 7.80 8.71 3.51
CA TYR A 89 7.60 9.46 2.28
C TYR A 89 6.32 8.95 1.63
N SER A 90 6.19 7.62 1.58
CA SER A 90 5.02 7.01 0.98
C SER A 90 3.74 7.32 1.73
N ILE A 91 3.80 7.41 3.05
CA ILE A 91 2.62 7.75 3.82
C ILE A 91 2.18 9.16 3.43
N GLN A 92 3.15 10.06 3.25
CA GLN A 92 2.80 11.42 2.85
C GLN A 92 2.11 11.39 1.49
N LYS A 93 2.61 10.58 0.58
CA LYS A 93 2.00 10.49 -0.75
C LYS A 93 0.60 9.90 -0.67
N VAL A 94 0.42 8.90 0.19
CA VAL A 94 -0.89 8.27 0.36
C VAL A 94 -1.86 9.27 0.95
N ILE A 95 -1.38 10.14 1.84
CA ILE A 95 -2.26 11.15 2.41
C ILE A 95 -2.74 12.06 1.28
N GLY A 96 -1.81 12.45 0.41
CA GLY A 96 -2.15 13.30 -0.71
C GLY A 96 -3.14 12.63 -1.65
N PHE A 97 -2.91 11.34 -1.92
CA PHE A 97 -3.79 10.57 -2.80
C PHE A 97 -5.19 10.49 -2.18
N ALA A 98 -5.23 10.12 -0.91
CA ALA A 98 -6.51 10.01 -0.21
C ALA A 98 -7.31 11.30 -0.27
N LYS A 99 -6.65 12.42 -0.05
CA LYS A 99 -7.33 13.71 -0.07
C LYS A 99 -7.98 14.03 -1.41
N MET A 100 -7.52 13.35 -2.47
CA MET A 100 -8.07 13.59 -3.80
C MET A 100 -9.17 12.59 -4.16
N ILE A 101 -9.39 11.59 -3.30
CA ILE A 101 -10.43 10.61 -3.56
C ILE A 101 -11.77 11.31 -3.46
N PRO A 102 -12.58 11.27 -4.52
CA PRO A 102 -13.90 11.92 -4.49
C PRO A 102 -14.68 11.49 -3.25
N GLY A 103 -15.08 12.47 -2.44
CA GLY A 103 -15.84 12.17 -1.24
C GLY A 103 -15.05 12.13 0.05
N PHE A 104 -13.75 11.85 -0.04
CA PHE A 104 -12.91 11.77 1.15
C PHE A 104 -12.98 13.06 1.98
N ARG A 105 -13.02 14.20 1.29
CA ARG A 105 -13.08 15.50 1.96
C ARG A 105 -14.43 15.71 2.64
N ASP A 106 -15.42 14.90 2.29
CA ASP A 106 -16.75 15.01 2.88
C ASP A 106 -16.76 14.41 4.28
N LEU A 107 -15.73 13.64 4.60
CA LEU A 107 -15.61 13.01 5.91
C LEU A 107 -15.01 13.97 6.92
N THR A 108 -15.28 13.72 8.20
CA THR A 108 -14.73 14.55 9.26
C THR A 108 -13.22 14.28 9.31
N SER A 109 -12.47 15.27 9.76
CA SER A 109 -11.02 15.11 9.84
C SER A 109 -10.69 13.89 10.70
N GLU A 110 -11.47 13.70 11.76
CA GLU A 110 -11.26 12.58 12.67
C GLU A 110 -11.35 11.24 11.92
N ASP A 111 -12.38 11.08 11.10
CA ASP A 111 -12.53 9.85 10.33
C ASP A 111 -11.47 9.75 9.25
N GLN A 112 -11.10 10.90 8.67
CA GLN A 112 -10.08 10.91 7.63
C GLN A 112 -8.78 10.35 8.20
N ILE A 113 -8.42 10.83 9.38
CA ILE A 113 -7.19 10.39 10.05
C ILE A 113 -7.27 8.92 10.45
N VAL A 114 -8.43 8.50 10.92
CA VAL A 114 -8.60 7.11 11.32
C VAL A 114 -8.38 6.19 10.12
N LEU A 115 -8.99 6.55 8.99
CA LEU A 115 -8.85 5.75 7.78
C LEU A 115 -7.41 5.74 7.27
N LEU A 116 -6.77 6.90 7.27
CA LEU A 116 -5.40 6.99 6.80
C LEU A 116 -4.44 6.17 7.66
N LYS A 117 -4.54 6.32 8.97
CA LYS A 117 -3.67 5.57 9.86
C LYS A 117 -3.85 4.07 9.77
N SER A 118 -5.10 3.63 9.63
CA SER A 118 -5.37 2.20 9.57
C SER A 118 -5.06 1.55 8.23
N SER A 119 -5.12 2.32 7.15
CA SER A 119 -4.86 1.77 5.82
C SER A 119 -3.47 2.06 5.27
N ALA A 120 -2.76 3.01 5.88
CA ALA A 120 -1.44 3.40 5.42
C ALA A 120 -0.55 2.26 4.93
N ILE A 121 -0.27 1.29 5.81
CA ILE A 121 0.61 0.20 5.41
C ILE A 121 0.02 -0.65 4.29
N GLU A 122 -1.31 -0.79 4.27
CA GLU A 122 -1.97 -1.57 3.23
C GLU A 122 -1.85 -0.90 1.87
N VAL A 123 -2.05 0.40 1.84
CA VAL A 123 -1.95 1.13 0.59
C VAL A 123 -0.51 1.15 0.12
N ILE A 124 0.42 1.18 1.07
CA ILE A 124 1.83 1.14 0.71
C ILE A 124 2.12 -0.21 0.06
N MET A 125 1.58 -1.27 0.63
CA MET A 125 1.79 -2.60 0.06
C MET A 125 1.19 -2.65 -1.34
N LEU A 126 0.00 -2.08 -1.52
CA LEU A 126 -0.63 -2.06 -2.84
C LEU A 126 0.14 -1.24 -3.86
N ARG A 127 0.46 0.00 -3.51
CA ARG A 127 1.15 0.87 -4.45
C ARG A 127 2.56 0.37 -4.79
N SER A 128 3.18 -0.34 -3.86
CA SER A 128 4.52 -0.88 -4.09
C SER A 128 4.51 -1.94 -5.19
N ASN A 129 3.33 -2.45 -5.52
CA ASN A 129 3.27 -3.47 -6.55
C ASN A 129 3.79 -2.92 -7.88
N GLU A 130 3.74 -1.60 -8.02
CA GLU A 130 4.21 -0.95 -9.24
C GLU A 130 5.72 -1.07 -9.41
N SER A 131 6.46 -1.11 -8.30
CA SER A 131 7.92 -1.25 -8.36
C SER A 131 8.34 -2.70 -8.22
N PHE A 132 7.43 -3.54 -7.72
CA PHE A 132 7.71 -4.96 -7.56
C PHE A 132 7.87 -5.59 -8.94
N THR A 133 8.83 -6.50 -9.07
CA THR A 133 9.03 -7.18 -10.34
C THR A 133 9.20 -8.67 -10.10
N MET A 134 8.52 -9.46 -10.92
CA MET A 134 8.62 -10.91 -10.78
C MET A 134 9.88 -11.42 -11.46
N ASP A 135 10.65 -10.50 -12.05
CA ASP A 135 11.90 -10.91 -12.70
C ASP A 135 12.78 -11.57 -11.65
N ASP A 136 12.89 -10.93 -10.48
CA ASP A 136 13.70 -11.47 -9.41
C ASP A 136 13.04 -11.33 -8.04
N MET A 137 11.74 -11.10 -8.03
CA MET A 137 10.96 -10.96 -6.80
C MET A 137 11.50 -9.87 -5.88
N SER A 138 11.69 -8.68 -6.42
CA SER A 138 12.19 -7.56 -5.64
C SER A 138 11.40 -6.34 -6.00
N TRP A 139 11.58 -5.28 -5.22
CA TRP A 139 10.95 -4.01 -5.50
C TRP A 139 12.13 -3.22 -6.06
N THR A 140 12.14 -3.06 -7.37
CA THR A 140 13.23 -2.37 -8.04
C THR A 140 12.89 -0.92 -8.31
N CYS A 141 13.57 -0.03 -7.59
CA CYS A 141 13.33 1.40 -7.72
C CYS A 141 14.53 2.15 -8.26
N GLY A 142 15.40 1.44 -8.97
CA GLY A 142 16.58 2.05 -9.54
C GLY A 142 17.73 1.08 -9.59
N ASN A 143 18.95 1.60 -9.47
CA ASN A 143 20.13 0.74 -9.50
C ASN A 143 20.10 -0.17 -8.28
N GLN A 144 21.12 -0.99 -8.14
CA GLN A 144 21.23 -1.92 -7.01
C GLN A 144 20.93 -1.24 -5.68
N ASP A 145 21.37 0.00 -5.53
CA ASP A 145 21.17 0.74 -4.30
C ASP A 145 19.70 0.80 -3.89
N TYR A 146 18.83 1.00 -4.86
CA TYR A 146 17.40 1.10 -4.58
C TYR A 146 16.57 -0.09 -5.00
N LYS A 147 17.19 -1.27 -4.95
CA LYS A 147 16.51 -2.52 -5.26
C LYS A 147 16.32 -3.16 -3.89
N TYR A 148 15.07 -3.40 -3.52
CA TYR A 148 14.77 -3.97 -2.22
C TYR A 148 14.35 -5.43 -2.30
N ARG A 149 15.14 -6.28 -1.69
CA ARG A 149 14.92 -7.73 -1.65
C ARG A 149 14.50 -8.16 -0.24
N VAL A 150 14.09 -9.42 -0.12
CA VAL A 150 13.68 -9.96 1.17
C VAL A 150 14.74 -9.68 2.22
N SER A 151 16.01 -9.85 1.83
CA SER A 151 17.13 -9.64 2.74
C SER A 151 17.22 -8.20 3.24
N ASP A 152 16.79 -7.25 2.43
CA ASP A 152 16.83 -5.85 2.84
C ASP A 152 15.75 -5.56 3.87
N VAL A 153 14.63 -6.26 3.76
CA VAL A 153 13.54 -6.05 4.70
C VAL A 153 13.89 -6.66 6.05
N THR A 154 14.63 -7.77 6.05
CA THR A 154 15.02 -8.37 7.32
C THR A 154 16.04 -7.45 7.97
N LYS A 155 16.80 -6.74 7.16
CA LYS A 155 17.81 -5.81 7.68
C LYS A 155 17.14 -4.57 8.26
N ALA A 156 15.83 -4.48 8.08
CA ALA A 156 15.07 -3.36 8.62
C ALA A 156 14.39 -3.78 9.92
N GLY A 157 14.63 -5.04 10.32
CA GLY A 157 14.05 -5.51 11.56
C GLY A 157 12.81 -6.39 11.44
N HIS A 158 12.37 -6.65 10.22
CA HIS A 158 11.19 -7.49 10.01
C HIS A 158 11.57 -8.94 9.79
N SER A 159 10.63 -9.84 10.02
CA SER A 159 10.88 -11.27 9.87
C SER A 159 10.11 -11.87 8.70
N LEU A 160 10.47 -13.10 8.34
CA LEU A 160 9.85 -13.80 7.23
C LEU A 160 8.35 -14.03 7.39
N GLU A 161 7.88 -14.01 8.64
CA GLU A 161 6.45 -14.21 8.91
C GLU A 161 5.63 -13.14 8.20
N LEU A 162 6.27 -12.01 7.90
CA LEU A 162 5.60 -10.91 7.21
C LEU A 162 6.08 -10.85 5.76
N ILE A 163 7.39 -10.94 5.57
CA ILE A 163 7.97 -10.85 4.24
C ILE A 163 7.54 -11.91 3.25
N GLU A 164 7.59 -13.18 3.64
CA GLU A 164 7.19 -14.24 2.72
C GLU A 164 5.75 -14.07 2.24
N PRO A 165 4.80 -13.88 3.16
CA PRO A 165 3.42 -13.71 2.68
C PRO A 165 3.27 -12.41 1.88
N LEU A 166 4.07 -11.40 2.20
CA LEU A 166 4.00 -10.15 1.46
C LEU A 166 4.42 -10.40 0.01
N ILE A 167 5.49 -11.18 -0.17
CA ILE A 167 5.96 -11.48 -1.52
C ILE A 167 4.88 -12.26 -2.27
N LYS A 168 4.26 -13.22 -1.58
CA LYS A 168 3.20 -14.02 -2.19
C LYS A 168 2.06 -13.10 -2.61
N PHE A 169 1.79 -12.11 -1.77
CA PHE A 169 0.73 -11.15 -2.05
C PHE A 169 1.09 -10.33 -3.29
N GLN A 170 2.34 -9.89 -3.37
CA GLN A 170 2.79 -9.10 -4.50
C GLN A 170 2.68 -9.86 -5.81
N VAL A 171 3.06 -11.13 -5.78
CA VAL A 171 2.98 -11.95 -6.99
C VAL A 171 1.53 -12.15 -7.39
N GLY A 172 0.67 -12.47 -6.43
CA GLY A 172 -0.74 -12.67 -6.73
C GLY A 172 -1.35 -11.42 -7.33
N LEU A 173 -0.98 -10.26 -6.78
CA LEU A 173 -1.51 -9.00 -7.27
C LEU A 173 -0.96 -8.71 -8.65
N LYS A 174 0.32 -8.97 -8.85
CA LYS A 174 0.95 -8.72 -10.14
C LYS A 174 0.27 -9.56 -11.21
N LYS A 175 -0.06 -10.81 -10.89
CA LYS A 175 -0.69 -11.70 -11.84
C LYS A 175 -2.13 -11.35 -12.21
N LEU A 176 -2.73 -10.42 -11.48
CA LEU A 176 -4.10 -10.00 -11.80
C LEU A 176 -4.04 -9.08 -13.01
N ASN A 177 -2.85 -8.58 -13.30
CA ASN A 177 -2.63 -7.69 -14.44
C ASN A 177 -3.65 -6.56 -14.46
N LEU A 178 -3.77 -5.88 -13.32
CA LEU A 178 -4.73 -4.79 -13.21
C LEU A 178 -4.44 -3.61 -14.13
N HIS A 179 -5.51 -3.00 -14.63
CA HIS A 179 -5.37 -1.80 -15.45
C HIS A 179 -5.05 -0.76 -14.40
N GLU A 180 -4.44 0.36 -14.80
CA GLU A 180 -4.14 1.37 -13.80
C GLU A 180 -5.44 1.86 -13.15
N GLU A 181 -6.51 1.89 -13.93
CA GLU A 181 -7.81 2.32 -13.43
C GLU A 181 -8.25 1.44 -12.26
N GLU A 182 -8.05 0.13 -12.42
CA GLU A 182 -8.42 -0.84 -11.39
C GLU A 182 -7.49 -0.70 -10.19
N HIS A 183 -6.22 -0.44 -10.47
CA HIS A 183 -5.22 -0.27 -9.43
C HIS A 183 -5.55 0.90 -8.51
N VAL A 184 -5.84 2.06 -9.09
CA VAL A 184 -6.15 3.23 -8.28
C VAL A 184 -7.48 3.09 -7.56
N LEU A 185 -8.44 2.41 -8.17
CA LEU A 185 -9.73 2.22 -7.52
C LEU A 185 -9.54 1.30 -6.31
N LEU A 186 -8.70 0.29 -6.45
CA LEU A 186 -8.48 -0.65 -5.35
C LEU A 186 -7.84 0.07 -4.16
N MET A 187 -6.89 0.96 -4.43
CA MET A 187 -6.26 1.69 -3.34
C MET A 187 -7.28 2.61 -2.65
N ALA A 188 -8.13 3.25 -3.45
CA ALA A 188 -9.15 4.14 -2.91
C ALA A 188 -10.13 3.36 -2.04
N ILE A 189 -10.55 2.20 -2.54
CA ILE A 189 -11.48 1.35 -1.80
C ILE A 189 -10.84 0.89 -0.50
N CYS A 190 -9.56 0.57 -0.55
CA CYS A 190 -8.83 0.13 0.63
C CYS A 190 -8.88 1.21 1.70
N ILE A 191 -8.60 2.45 1.31
CA ILE A 191 -8.58 3.58 2.22
C ILE A 191 -9.95 3.88 2.82
N VAL A 192 -10.95 3.99 1.96
CA VAL A 192 -12.30 4.30 2.42
C VAL A 192 -13.04 3.04 2.82
N SER A 193 -12.61 2.43 3.92
CA SER A 193 -13.23 1.21 4.41
C SER A 193 -14.00 1.51 5.69
N PRO A 194 -15.31 1.22 5.70
CA PRO A 194 -16.16 1.45 6.86
C PRO A 194 -15.87 0.57 8.08
N ASP A 195 -15.23 -0.56 7.85
CA ASP A 195 -14.91 -1.48 8.95
C ASP A 195 -13.49 -1.30 9.47
N ARG A 196 -13.17 -0.08 9.90
CA ARG A 196 -11.87 0.22 10.47
C ARG A 196 -12.17 0.60 11.92
N PRO A 197 -11.37 0.10 12.87
CA PRO A 197 -11.64 0.44 14.27
C PRO A 197 -11.50 1.94 14.54
N GLY A 198 -12.48 2.50 15.24
CA GLY A 198 -12.43 3.92 15.57
C GLY A 198 -13.23 4.84 14.66
N VAL A 199 -13.73 4.32 13.54
CA VAL A 199 -14.50 5.14 12.61
C VAL A 199 -15.82 5.58 13.23
N GLN A 200 -16.19 6.83 13.00
CA GLN A 200 -17.43 7.38 13.53
C GLN A 200 -18.58 7.20 12.58
N ASP A 201 -18.51 7.87 11.43
CA ASP A 201 -19.58 7.78 10.44
C ASP A 201 -19.34 6.68 9.43
N ALA A 202 -19.51 5.43 9.87
CA ALA A 202 -19.31 4.28 9.01
C ALA A 202 -20.24 4.32 7.82
N ALA A 203 -21.46 4.79 8.03
CA ALA A 203 -22.45 4.86 6.95
C ALA A 203 -21.98 5.73 5.80
N LEU A 204 -21.43 6.91 6.13
CA LEU A 204 -20.94 7.81 5.09
C LEU A 204 -19.74 7.20 4.38
N ILE A 205 -18.84 6.61 5.15
CA ILE A 205 -17.66 5.98 4.58
C ILE A 205 -18.09 4.85 3.64
N GLU A 206 -19.07 4.06 4.06
CA GLU A 206 -19.56 2.96 3.24
C GLU A 206 -20.19 3.47 1.95
N ALA A 207 -20.88 4.60 2.03
CA ALA A 207 -21.52 5.18 0.85
C ALA A 207 -20.44 5.54 -0.16
N ILE A 208 -19.37 6.15 0.34
CA ILE A 208 -18.25 6.54 -0.52
C ILE A 208 -17.58 5.30 -1.10
N GLN A 209 -17.34 4.30 -0.26
CA GLN A 209 -16.71 3.09 -0.74
C GLN A 209 -17.59 2.39 -1.77
N ASP A 210 -18.90 2.37 -1.54
CA ASP A 210 -19.81 1.74 -2.48
C ASP A 210 -19.76 2.42 -3.84
N ARG A 211 -19.67 3.74 -3.84
CA ARG A 211 -19.60 4.49 -5.09
C ARG A 211 -18.33 4.09 -5.85
N LEU A 212 -17.24 3.89 -5.10
CA LEU A 212 -15.97 3.49 -5.71
C LEU A 212 -16.04 2.04 -6.15
N SER A 213 -16.62 1.19 -5.31
CA SER A 213 -16.76 -0.23 -5.62
C SER A 213 -17.63 -0.43 -6.87
N ASN A 214 -18.73 0.31 -6.94
CA ASN A 214 -19.61 0.19 -8.10
C ASN A 214 -18.87 0.66 -9.34
N THR A 215 -18.06 1.69 -9.20
CA THR A 215 -17.28 2.20 -10.33
C THR A 215 -16.33 1.09 -10.80
N LEU A 216 -15.66 0.46 -9.85
CA LEU A 216 -14.73 -0.61 -10.19
C LEU A 216 -15.45 -1.79 -10.85
N GLN A 217 -16.59 -2.19 -10.28
CA GLN A 217 -17.35 -3.31 -10.84
C GLN A 217 -17.79 -2.99 -12.26
N THR A 218 -18.25 -1.77 -12.47
CA THR A 218 -18.71 -1.34 -13.78
C THR A 218 -17.54 -1.30 -14.76
N TYR A 219 -16.42 -0.74 -14.32
CA TYR A 219 -15.24 -0.66 -15.18
C TYR A 219 -14.80 -2.03 -15.65
N ILE A 220 -14.69 -2.97 -14.72
CA ILE A 220 -14.24 -4.32 -15.06
C ILE A 220 -15.17 -4.99 -16.07
N ARG A 221 -16.48 -4.85 -15.85
CA ARG A 221 -17.46 -5.47 -16.74
C ARG A 221 -17.49 -4.94 -18.16
N CYS A 222 -17.15 -3.67 -18.37
CA CYS A 222 -17.18 -3.14 -19.72
C CYS A 222 -15.84 -2.72 -20.31
N ARG A 223 -14.78 -2.76 -19.51
CA ARG A 223 -13.47 -2.35 -20.01
C ARG A 223 -12.37 -3.39 -19.91
N HIS A 224 -12.58 -4.43 -19.10
CA HIS A 224 -11.56 -5.45 -18.94
C HIS A 224 -11.80 -6.65 -19.85
N PRO A 225 -10.90 -6.86 -20.82
CA PRO A 225 -11.00 -7.99 -21.77
C PRO A 225 -10.79 -9.34 -21.09
N PRO A 226 -11.45 -10.39 -21.60
CA PRO A 226 -11.33 -11.74 -21.03
C PRO A 226 -9.99 -12.37 -21.45
N PRO A 227 -9.57 -13.43 -20.75
CA PRO A 227 -10.24 -14.06 -19.61
C PRO A 227 -9.77 -13.49 -18.27
N GLY A 228 -8.93 -12.46 -18.33
CA GLY A 228 -8.43 -11.85 -17.10
C GLY A 228 -9.51 -11.15 -16.29
N SER A 229 -10.69 -10.98 -16.90
CA SER A 229 -11.80 -10.32 -16.23
C SER A 229 -12.62 -11.30 -15.40
N HIS A 230 -12.45 -12.61 -15.68
CA HIS A 230 -13.23 -13.63 -14.96
C HIS A 230 -13.01 -13.53 -13.47
N LEU A 231 -14.10 -13.21 -12.76
CA LEU A 231 -14.08 -13.11 -11.30
C LEU A 231 -12.98 -12.16 -10.82
N LEU A 232 -12.58 -11.23 -11.68
CA LEU A 232 -11.53 -10.28 -11.30
C LEU A 232 -11.93 -9.46 -10.08
N TYR A 233 -13.19 -9.01 -10.03
CA TYR A 233 -13.62 -8.22 -8.90
C TYR A 233 -13.48 -8.99 -7.59
N ALA A 234 -13.92 -10.24 -7.60
CA ALA A 234 -13.83 -11.08 -6.42
C ALA A 234 -12.39 -11.26 -5.98
N LYS A 235 -11.50 -11.42 -6.96
CA LYS A 235 -10.08 -11.60 -6.66
C LYS A 235 -9.50 -10.33 -6.06
N MET A 236 -9.96 -9.18 -6.52
CA MET A 236 -9.48 -7.90 -6.01
C MET A 236 -9.95 -7.68 -4.58
N ILE A 237 -11.20 -8.03 -4.31
CA ILE A 237 -11.74 -7.87 -2.97
C ILE A 237 -11.00 -8.81 -2.02
N GLN A 238 -10.62 -9.98 -2.53
CA GLN A 238 -9.90 -10.95 -1.71
C GLN A 238 -8.54 -10.38 -1.32
N LYS A 239 -7.94 -9.59 -2.22
CA LYS A 239 -6.66 -8.98 -1.92
C LYS A 239 -6.80 -8.01 -0.75
N LEU A 240 -7.96 -7.36 -0.67
CA LEU A 240 -8.18 -6.41 0.43
C LEU A 240 -8.24 -7.17 1.75
N ALA A 241 -8.79 -8.39 1.72
CA ALA A 241 -8.86 -9.20 2.92
C ALA A 241 -7.44 -9.64 3.30
N ASP A 242 -6.67 -10.02 2.29
CA ASP A 242 -5.29 -10.45 2.51
C ASP A 242 -4.50 -9.31 3.17
N LEU A 243 -4.75 -8.09 2.72
CA LEU A 243 -4.07 -6.94 3.28
C LEU A 243 -4.32 -6.75 4.78
N ARG A 244 -5.52 -7.12 5.23
CA ARG A 244 -5.84 -6.99 6.65
C ARG A 244 -4.90 -7.87 7.47
N SER A 245 -4.66 -9.08 6.96
CA SER A 245 -3.78 -10.02 7.65
C SER A 245 -2.35 -9.50 7.66
N LEU A 246 -1.90 -8.97 6.53
CA LEU A 246 -0.54 -8.44 6.44
C LEU A 246 -0.42 -7.23 7.35
N ASN A 247 -1.49 -6.44 7.44
CA ASN A 247 -1.52 -5.26 8.29
C ASN A 247 -1.30 -5.69 9.74
N GLU A 248 -2.08 -6.69 10.16
CA GLU A 248 -1.99 -7.19 11.53
C GLU A 248 -0.59 -7.73 11.83
N GLU A 249 -0.01 -8.48 10.90
CA GLU A 249 1.32 -9.02 11.11
C GLU A 249 2.34 -7.89 11.17
N HIS A 250 2.19 -6.90 10.30
CA HIS A 250 3.12 -5.77 10.31
C HIS A 250 3.08 -5.04 11.64
N SER A 251 1.87 -4.84 12.18
CA SER A 251 1.71 -4.14 13.45
C SER A 251 2.42 -4.90 14.57
N LYS A 252 2.32 -6.23 14.56
CA LYS A 252 2.96 -7.05 15.57
C LYS A 252 4.47 -6.89 15.48
N GLN A 253 5.00 -6.94 14.27
CA GLN A 253 6.43 -6.80 14.07
C GLN A 253 6.92 -5.40 14.40
N TYR A 254 6.07 -4.41 14.14
CA TYR A 254 6.45 -3.03 14.45
C TYR A 254 6.62 -2.91 15.97
N ARG A 255 5.69 -3.51 16.70
CA ARG A 255 5.75 -3.50 18.17
C ARG A 255 7.09 -4.02 18.65
N CYS A 256 7.46 -5.20 18.17
CA CYS A 256 8.71 -5.82 18.55
C CYS A 256 9.88 -4.91 18.19
N LEU A 257 9.84 -4.38 16.97
CA LEU A 257 10.89 -3.50 16.51
C LEU A 257 11.02 -2.29 17.44
N SER A 258 9.88 -1.75 17.88
CA SER A 258 9.87 -0.58 18.74
C SER A 258 10.54 -0.81 20.09
N PHE A 259 10.67 -2.08 20.48
CA PHE A 259 11.30 -2.43 21.75
C PHE A 259 12.81 -2.29 21.67
N GLN A 260 13.34 -2.18 20.46
CA GLN A 260 14.79 -2.09 20.33
C GLN A 260 15.27 -0.69 20.62
N PRO A 261 16.20 -0.60 21.62
CA PRO A 261 16.75 0.70 22.01
C PRO A 261 17.27 1.51 20.82
N GLU A 262 16.94 2.80 20.81
CA GLU A 262 17.36 3.74 19.77
C GLU A 262 16.61 3.56 18.46
N CYS A 263 15.57 2.74 18.46
CA CYS A 263 14.81 2.51 17.24
C CYS A 263 14.12 3.79 16.75
N SER A 264 13.53 4.55 17.66
CA SER A 264 12.83 5.77 17.29
C SER A 264 13.66 6.71 16.42
N MET A 265 14.97 6.74 16.65
CA MET A 265 15.84 7.61 15.87
C MET A 265 15.94 7.14 14.43
N LYS A 266 15.73 5.85 14.22
CA LYS A 266 15.81 5.28 12.88
C LYS A 266 14.50 5.38 12.12
N LEU A 267 13.47 5.86 12.81
CA LEU A 267 12.15 6.01 12.19
C LEU A 267 11.95 7.49 11.89
N THR A 268 10.70 7.92 11.85
CA THR A 268 10.37 9.32 11.60
C THR A 268 9.15 9.66 12.44
N PRO A 269 8.93 10.95 12.73
CA PRO A 269 7.77 11.32 13.53
C PRO A 269 6.45 10.77 12.98
N LEU A 270 6.30 10.84 11.66
CA LEU A 270 5.08 10.34 11.01
C LEU A 270 4.93 8.83 11.20
N VAL A 271 6.02 8.09 10.99
CA VAL A 271 5.98 6.65 11.14
C VAL A 271 5.65 6.29 12.59
N LEU A 272 6.28 7.00 13.53
CA LEU A 272 6.04 6.74 14.95
C LEU A 272 4.58 6.95 15.32
N GLU A 273 3.95 7.98 14.76
CA GLU A 273 2.56 8.25 15.08
C GLU A 273 1.61 7.26 14.42
N VAL A 274 1.80 7.01 13.13
CA VAL A 274 0.94 6.08 12.42
C VAL A 274 0.94 4.67 13.02
N PHE A 275 2.13 4.16 13.34
CA PHE A 275 2.22 2.81 13.87
C PHE A 275 2.38 2.70 15.37
N GLY A 276 2.66 3.82 16.02
CA GLY A 276 2.82 3.81 17.47
C GLY A 276 1.50 3.68 18.20
C1 ZYD B . 6.02 2.54 -2.48
O1 ZYD B . 5.14 3.43 -1.76
C2 ZYD B . 6.82 3.30 -3.58
O2 ZYD B . 6.94 1.33 -5.03
C3 ZYD B . 7.76 2.31 -4.36
O3 ZYD B . 7.76 -1.21 9.84
C4 ZYD B . 8.77 1.57 -3.40
C5 ZYD B . 8.01 0.95 -2.19
C6 ZYD B . 8.29 -0.32 -1.82
C7 ZYD B . 7.62 -1.07 -0.67
C8 ZYD B . 8.21 -2.11 -0.02
C9 ZYD B . 9.63 -2.59 -0.40
C10 ZYD B . 6.98 1.87 -1.54
C11 ZYD B . 10.51 -2.75 0.89
C12 ZYD B . 9.76 -3.48 2.09
C13 ZYD B . 8.35 -2.85 2.41
C14 ZYD B . 7.52 -2.87 1.12
C15 ZYD B . 6.10 -2.39 1.53
C16 ZYD B . 5.99 -2.95 3.01
C17 ZYD B . 7.39 -3.62 3.33
C18 ZYD B . 8.52 -1.36 2.96
C19 ZYD B . 6.97 2.11 -0.20
C20 ZYD B . 9.72 -1.21 3.97
C21 ZYD B . 9.21 -1.33 5.41
C22 ZYD B . 10.31 -0.86 6.40
C23 ZYD B . 9.78 -0.99 7.83
C24 ZYD B . 8.84 0.20 8.15
C25 ZYD B . 8.26 0.11 9.58
C26 ZYD B . 9.34 0.46 10.64
C27 ZYD B . 7.11 1.11 9.70
S SO4 C . 13.89 4.54 21.57
O1 SO4 C . 14.93 5.36 20.81
O2 SO4 C . 13.05 3.91 20.47
O3 SO4 C . 14.54 3.53 22.31
O4 SO4 C . 13.07 5.42 22.34
S SO4 D . 6.85 -7.34 -13.74
O1 SO4 D . 6.03 -6.11 -13.36
O2 SO4 D . 6.60 -8.32 -12.61
O3 SO4 D . 6.33 -7.88 -14.95
O4 SO4 D . 8.22 -6.99 -13.78
#